data_8FUP
#
_entry.id   8FUP
#
_cell.length_a   42.950
_cell.length_b   53.460
_cell.length_c   110.310
_cell.angle_alpha   90.00
_cell.angle_beta   90.00
_cell.angle_gamma   90.00
#
_symmetry.space_group_name_H-M   'P 21 21 21'
#
loop_
_entity.id
_entity.type
_entity.pdbx_description
1 polymer 'CREB-binding protein'
2 non-polymer (3M)-4-{[(2S)-2-(3-chlorophenyl)-2-hydroxyethyl]amino}-3-[4-methyl-6-(morpholin-4-yl)-1H-benzimidazol-2-yl]pyridin-2(1H)-one
3 non-polymer (6S)-1-[3,4-bis(fluoranyl)phenyl]-6-[5-(3,5-dimethyl-1,2-oxazol-4-yl)-1-(4-methoxycyclohexyl)benzimidazol-2-yl]piperidin-2-one
4 non-polymer 1,2-ETHANEDIOL
5 water water
#
_entity_poly.entity_id   1
_entity_poly.type   'polypeptide(L)'
_entity_poly.pdbx_seq_one_letter_code
;KKIFKPEELRQALMPTLEALYRQDPESLPFRQPVDPQLLGIPDYFDIVKNPMDLSTIKRKLDTGQYQEPWQYVDDVWLMF
NNAWLYNRKTSRVYKFCSKLAEVFEQEIDPVMQSLG
;
_entity_poly.pdbx_strand_id   A,B
#
loop_
_chem_comp.id
_chem_comp.type
_chem_comp.name
_chem_comp.formula
EDO non-polymer 1,2-ETHANEDIOL 'C2 H6 O2'
JHL non-polymer (6S)-1-[3,4-bis(fluoranyl)phenyl]-6-[5-(3,5-dimethyl-1,2-oxazol-4-yl)-1-(4-methoxycyclohexyl)benzimidazol-2-yl]piperidin-2-one 'C30 H32 F2 N4 O3'
N6I non-polymer (3M)-4-{[(2S)-2-(3-chlorophenyl)-2-hydroxyethyl]amino}-3-[4-methyl-6-(morpholin-4-yl)-1H-benzimidazol-2-yl]pyridin-2(1H)-one 'C25 H26 Cl N5 O3'
#
# COMPACT_ATOMS: atom_id res chain seq x y z
N LYS A 1 0.52 14.68 -16.73
CA LYS A 1 1.25 14.62 -15.46
C LYS A 1 2.38 13.59 -15.51
N LYS A 2 3.52 13.89 -14.88
CA LYS A 2 4.57 12.88 -14.76
C LYS A 2 3.99 11.70 -14.01
N ILE A 3 4.33 10.49 -14.46
CA ILE A 3 3.90 9.25 -13.82
C ILE A 3 5.03 8.77 -12.93
N PHE A 4 4.72 8.46 -11.69
CA PHE A 4 5.72 8.00 -10.73
C PHE A 4 5.48 6.55 -10.41
N LYS A 5 6.51 5.73 -10.59
CA LYS A 5 6.45 4.35 -10.17
C LYS A 5 6.56 4.26 -8.65
N PRO A 6 5.77 3.41 -8.01
CA PRO A 6 5.86 3.30 -6.54
C PRO A 6 7.26 2.94 -6.06
N GLU A 7 8.01 2.13 -6.82
CA GLU A 7 9.36 1.78 -6.36
CA GLU A 7 9.36 1.77 -6.39
C GLU A 7 10.31 2.97 -6.43
N GLU A 8 10.13 3.88 -7.39
CA GLU A 8 11.00 5.06 -7.43
C GLU A 8 10.68 6.00 -6.28
N LEU A 9 9.40 6.15 -5.93
CA LEU A 9 9.04 6.99 -4.78
C LEU A 9 9.61 6.41 -3.49
N ARG A 10 9.48 5.09 -3.34
CA ARG A 10 9.99 4.43 -2.14
C ARG A 10 11.49 4.65 -1.96
N GLN A 11 12.29 4.35 -2.99
CA GLN A 11 13.73 4.46 -2.84
C GLN A 11 14.17 5.91 -2.63
N ALA A 12 13.50 6.86 -3.31
CA ALA A 12 13.92 8.26 -3.23
C ALA A 12 13.55 8.88 -1.89
N LEU A 13 12.35 8.58 -1.38
CA LEU A 13 11.86 9.29 -0.20
C LEU A 13 12.20 8.60 1.11
N MET A 14 12.50 7.30 1.09
CA MET A 14 12.83 6.63 2.35
C MET A 14 13.98 7.28 3.12
N PRO A 15 15.05 7.74 2.49
CA PRO A 15 16.07 8.40 3.30
C PRO A 15 15.55 9.60 4.05
N THR A 16 14.58 10.32 3.50
CA THR A 16 14.06 11.49 4.20
C THR A 16 13.24 11.07 5.42
N LEU A 17 12.55 9.93 5.33
CA LEU A 17 11.80 9.41 6.46
C LEU A 17 12.72 8.92 7.57
N GLU A 18 13.84 8.28 7.19
CA GLU A 18 14.84 7.85 8.17
C GLU A 18 15.39 9.06 8.93
N ALA A 19 15.56 10.20 8.23
CA ALA A 19 16.11 11.38 8.89
C ALA A 19 15.21 11.86 10.02
N LEU A 20 13.89 11.63 9.91
CA LEU A 20 12.99 11.97 11.00
C LEU A 20 13.04 10.93 12.11
N TYR A 21 12.97 9.65 11.75
CA TYR A 21 12.99 8.59 12.75
C TYR A 21 14.24 8.64 13.64
N ARG A 22 15.40 8.95 13.05
CA ARG A 22 16.64 8.79 13.79
C ARG A 22 16.81 9.82 14.88
N GLN A 23 15.98 10.87 14.89
CA GLN A 23 16.01 11.85 15.98
C GLN A 23 15.38 11.20 17.22
N ASP A 24 16.15 11.10 18.27
CA ASP A 24 15.66 10.42 19.46
C ASP A 24 16.14 11.31 20.61
N PRO A 25 15.23 11.84 21.47
CA PRO A 25 13.83 11.46 21.68
C PRO A 25 12.85 12.17 20.78
N GLU A 26 13.29 13.07 19.90
CA GLU A 26 12.35 13.97 19.23
C GLU A 26 11.30 13.22 18.44
N SER A 27 11.67 12.11 17.80
CA SER A 27 10.69 11.41 16.99
C SER A 27 9.77 10.51 17.80
N LEU A 28 10.04 10.29 19.10
CA LEU A 28 9.28 9.25 19.81
C LEU A 28 7.78 9.50 19.82
N PRO A 29 7.27 10.73 20.00
CA PRO A 29 5.81 10.93 19.95
C PRO A 29 5.19 10.69 18.61
N PHE A 30 6.00 10.62 17.53
CA PHE A 30 5.48 10.55 16.17
C PHE A 30 5.60 9.18 15.53
N ARG A 31 6.19 8.20 16.21
CA ARG A 31 6.45 6.90 15.59
C ARG A 31 5.22 6.02 15.44
N GLN A 32 4.20 6.24 16.24
CA GLN A 32 2.98 5.46 16.22
C GLN A 32 1.79 6.40 16.30
N PRO A 33 0.61 5.95 15.87
CA PRO A 33 -0.56 6.84 15.87
C PRO A 33 -0.87 7.31 17.29
N VAL A 34 -1.24 8.59 17.43
CA VAL A 34 -1.73 9.09 18.71
C VAL A 34 -2.85 8.19 19.22
N ASP A 35 -2.75 7.79 20.48
CA ASP A 35 -3.76 6.95 21.14
C ASP A 35 -4.37 7.75 22.28
N PRO A 36 -5.54 8.38 22.09
CA PRO A 36 -6.06 9.29 23.13
C PRO A 36 -6.53 8.56 24.37
N GLN A 37 -6.90 7.29 24.23
CA GLN A 37 -7.25 6.50 25.40
C GLN A 37 -6.03 6.33 26.31
N LEU A 38 -4.92 5.88 25.72
CA LEU A 38 -3.70 5.70 26.48
C LEU A 38 -3.22 7.02 27.12
N LEU A 39 -3.26 8.14 26.37
CA LEU A 39 -2.72 9.43 26.81
C LEU A 39 -3.69 10.22 27.67
N GLY A 40 -4.92 9.75 27.85
CA GLY A 40 -5.89 10.49 28.64
C GLY A 40 -6.27 11.81 28.02
N ILE A 41 -6.50 11.84 26.70
CA ILE A 41 -6.86 13.10 26.06
C ILE A 41 -8.12 12.93 25.23
N PRO A 42 -9.28 12.84 25.88
CA PRO A 42 -10.50 12.46 25.16
C PRO A 42 -10.90 13.42 24.04
N ASP A 43 -10.44 14.66 24.06
CA ASP A 43 -10.82 15.57 22.99
C ASP A 43 -9.93 15.45 21.75
N TYR A 44 -8.94 14.54 21.71
CA TYR A 44 -7.97 14.57 20.61
C TYR A 44 -8.64 14.54 19.23
N PHE A 45 -9.57 13.59 19.00
CA PHE A 45 -10.14 13.47 17.66
C PHE A 45 -11.29 14.45 17.42
N ASP A 46 -11.67 15.23 18.42
CA ASP A 46 -12.54 16.37 18.19
C ASP A 46 -11.78 17.51 17.57
N ILE A 47 -10.46 17.54 17.78
CA ILE A 47 -9.59 18.60 17.30
C ILE A 47 -8.81 18.17 16.07
N VAL A 48 -8.29 16.94 16.07
CA VAL A 48 -7.52 16.41 14.95
C VAL A 48 -8.41 15.44 14.22
N LYS A 49 -8.94 15.87 13.08
CA LYS A 49 -9.85 15.04 12.32
C LYS A 49 -9.14 14.11 11.35
N ASN A 50 -7.89 14.43 10.96
CA ASN A 50 -7.12 13.63 10.00
C ASN A 50 -5.77 13.29 10.59
N PRO A 51 -5.71 12.32 11.51
CA PRO A 51 -4.44 11.98 12.16
C PRO A 51 -3.45 11.42 11.16
N MET A 52 -2.19 11.63 11.47
CA MET A 52 -1.10 11.12 10.65
C MET A 52 0.13 10.96 11.52
N ASP A 53 0.92 9.93 11.23
CA ASP A 53 2.12 9.64 12.00
C ASP A 53 3.16 8.95 11.13
N LEU A 54 4.38 8.78 11.67
CA LEU A 54 5.46 8.21 10.88
C LEU A 54 5.13 6.79 10.43
N SER A 55 4.50 5.99 11.29
CA SER A 55 4.27 4.60 10.89
C SER A 55 3.28 4.51 9.73
N THR A 56 2.30 5.43 9.69
CA THR A 56 1.34 5.42 8.58
C THR A 56 2.01 5.90 7.29
N ILE A 57 2.84 6.94 7.39
CA ILE A 57 3.58 7.42 6.22
C ILE A 57 4.49 6.33 5.68
N LYS A 58 5.20 5.63 6.58
CA LYS A 58 6.13 4.61 6.17
C LYS A 58 5.40 3.46 5.47
N ARG A 59 4.26 3.03 6.04
CA ARG A 59 3.49 1.96 5.42
C ARG A 59 3.02 2.36 4.04
N LYS A 60 2.54 3.61 3.91
CA LYS A 60 2.08 4.08 2.60
C LYS A 60 3.20 4.08 1.58
N LEU A 61 4.42 4.48 1.98
CA LEU A 61 5.54 4.48 1.07
C LEU A 61 5.97 3.06 0.73
N ASP A 62 5.97 2.17 1.71
CA ASP A 62 6.40 0.80 1.46
C ASP A 62 5.40 0.05 0.60
N THR A 63 4.12 0.43 0.63
CA THR A 63 3.08 -0.32 -0.09
C THR A 63 2.55 0.43 -1.31
N GLY A 64 3.24 1.48 -1.75
CA GLY A 64 2.92 2.15 -2.99
C GLY A 64 1.63 2.91 -3.01
N GLN A 65 1.21 3.49 -1.87
CA GLN A 65 -0.05 4.20 -1.80
C GLN A 65 0.06 5.67 -2.23
N TYR A 66 1.25 6.17 -2.50
CA TYR A 66 1.43 7.51 -3.04
C TYR A 66 1.52 7.47 -4.55
N GLN A 67 0.66 8.23 -5.23
CA GLN A 67 0.73 8.30 -6.70
C GLN A 67 1.81 9.29 -7.15
N GLU A 68 2.10 10.29 -6.33
CA GLU A 68 3.07 11.30 -6.72
C GLU A 68 3.67 11.87 -5.45
N PRO A 69 4.91 12.38 -5.50
CA PRO A 69 5.68 12.55 -4.24
C PRO A 69 5.18 13.69 -3.37
N TRP A 70 4.44 14.63 -3.92
CA TRP A 70 3.92 15.70 -3.09
C TRP A 70 2.83 15.20 -2.13
N GLN A 71 2.23 14.04 -2.40
CA GLN A 71 1.30 13.45 -1.42
C GLN A 71 2.05 12.97 -0.19
N TYR A 72 3.29 12.53 -0.35
CA TYR A 72 4.13 12.21 0.80
C TYR A 72 4.47 13.48 1.58
N VAL A 73 4.89 14.51 0.86
CA VAL A 73 5.13 15.81 1.49
C VAL A 73 3.88 16.27 2.24
N ASP A 74 2.69 16.12 1.64
CA ASP A 74 1.47 16.52 2.30
C ASP A 74 1.28 15.77 3.63
N ASP A 75 1.49 14.45 3.63
CA ASP A 75 1.26 13.69 4.85
C ASP A 75 2.24 14.08 5.96
N VAL A 76 3.49 14.34 5.61
CA VAL A 76 4.47 14.76 6.62
C VAL A 76 4.02 16.07 7.26
N TRP A 77 3.63 17.07 6.44
CA TRP A 77 3.21 18.33 7.04
C TRP A 77 1.89 18.20 7.80
N LEU A 78 1.02 17.27 7.39
CA LEU A 78 -0.20 17.02 8.14
C LEU A 78 0.13 16.50 9.55
N MET A 79 1.01 15.49 9.62
CA MET A 79 1.59 15.07 10.90
C MET A 79 2.00 16.24 11.80
N PHE A 80 2.87 17.09 11.25
CA PHE A 80 3.39 18.19 12.06
C PHE A 80 2.29 19.19 12.40
N ASN A 81 1.47 19.56 11.40
CA ASN A 81 0.40 20.52 11.67
C ASN A 81 -0.58 20.00 12.72
N ASN A 82 -0.86 18.70 12.72
CA ASN A 82 -1.74 18.17 13.77
C ASN A 82 -1.13 18.41 15.15
N ALA A 83 0.18 18.20 15.28
CA ALA A 83 0.82 18.30 16.58
C ALA A 83 0.93 19.75 17.02
N TRP A 84 1.17 20.66 16.07
CA TRP A 84 1.20 22.09 16.43
C TRP A 84 -0.18 22.61 16.78
N LEU A 85 -1.21 22.01 16.19
CA LEU A 85 -2.58 22.39 16.52
C LEU A 85 -2.96 21.92 17.91
N TYR A 86 -2.61 20.68 18.27
CA TYR A 86 -3.14 20.08 19.50
C TYR A 86 -2.35 20.50 20.75
N ASN A 87 -1.03 20.59 20.64
CA ASN A 87 -0.15 20.75 21.80
C ASN A 87 0.18 22.22 22.03
N ARG A 88 0.39 22.56 23.31
CA ARG A 88 0.75 23.93 23.66
C ARG A 88 2.14 24.25 23.13
N LYS A 89 2.39 25.55 22.88
CA LYS A 89 3.65 25.98 22.28
C LYS A 89 4.85 25.65 23.16
N THR A 90 4.65 25.58 24.46
CA THR A 90 5.67 25.33 25.46
C THR A 90 5.91 23.86 25.71
N SER A 91 5.12 22.99 25.09
CA SER A 91 5.17 21.59 25.43
C SER A 91 6.31 20.94 24.68
N ARG A 92 6.84 19.87 25.27
CA ARG A 92 7.94 19.15 24.67
C ARG A 92 7.57 18.60 23.29
N VAL A 93 6.34 18.06 23.16
CA VAL A 93 5.93 17.51 21.88
C VAL A 93 5.92 18.59 20.80
N TYR A 94 5.44 19.79 21.13
CA TYR A 94 5.44 20.90 20.17
C TYR A 94 6.87 21.27 19.77
N LYS A 95 7.77 21.37 20.74
CA LYS A 95 9.14 21.71 20.43
C LYS A 95 9.81 20.62 19.58
N PHE A 96 9.55 19.36 19.89
CA PHE A 96 10.10 18.27 19.11
C PHE A 96 9.54 18.26 17.70
N CYS A 97 8.26 18.60 17.56
CA CYS A 97 7.67 18.76 16.23
C CYS A 97 8.43 19.78 15.41
N SER A 98 8.72 20.93 16.01
CA SER A 98 9.43 21.98 15.27
C SER A 98 10.84 21.52 14.90
N LYS A 99 11.49 20.76 15.78
CA LYS A 99 12.81 20.21 15.46
C LYS A 99 12.76 19.26 14.27
N LEU A 100 11.75 18.37 14.22
CA LEU A 100 11.61 17.44 13.09
C LEU A 100 11.28 18.19 11.79
N ALA A 101 10.48 19.25 11.89
CA ALA A 101 10.08 20.01 10.72
C ALA A 101 11.30 20.69 10.09
N GLU A 102 12.21 21.18 10.93
CA GLU A 102 13.41 21.78 10.38
C GLU A 102 14.27 20.76 9.65
N VAL A 103 14.42 19.57 10.24
CA VAL A 103 15.13 18.49 9.57
C VAL A 103 14.47 18.17 8.23
N PHE A 104 13.15 18.01 8.25
CA PHE A 104 12.45 17.67 7.02
C PHE A 104 12.66 18.73 5.93
N GLU A 105 12.52 20.00 6.29
CA GLU A 105 12.64 21.06 5.27
C GLU A 105 14.02 21.02 4.63
N GLN A 106 15.06 20.80 5.42
CA GLN A 106 16.41 20.63 4.85
C GLN A 106 16.49 19.44 3.91
N GLU A 107 16.01 18.27 4.35
CA GLU A 107 16.24 17.04 3.61
C GLU A 107 15.38 16.94 2.35
N ILE A 108 14.17 17.54 2.36
CA ILE A 108 13.24 17.19 1.31
C ILE A 108 13.56 17.91 0.00
N ASP A 109 14.16 19.11 0.07
CA ASP A 109 14.37 19.90 -1.15
C ASP A 109 15.16 19.16 -2.23
N PRO A 110 16.38 18.71 -1.99
CA PRO A 110 17.12 18.09 -3.11
C PRO A 110 16.49 16.82 -3.60
N VAL A 111 15.78 16.10 -2.73
CA VAL A 111 15.13 14.86 -3.14
C VAL A 111 13.98 15.16 -4.09
N MET A 112 13.17 16.18 -3.79
CA MET A 112 12.11 16.53 -4.71
C MET A 112 12.64 17.03 -6.04
N GLN A 113 13.73 17.82 -6.01
CA GLN A 113 14.33 18.27 -7.26
C GLN A 113 14.73 17.09 -8.13
N SER A 114 15.27 16.04 -7.50
CA SER A 114 15.78 14.89 -8.25
C SER A 114 14.65 14.03 -8.84
N LEU A 115 13.48 14.06 -8.23
CA LEU A 115 12.32 13.32 -8.72
C LEU A 115 11.59 14.01 -9.86
N GLY A 116 11.92 15.27 -10.14
CA GLY A 116 11.17 16.01 -11.16
C GLY A 116 11.42 15.57 -12.59
N PHE B 4 3.51 -15.38 10.82
CA PHE B 4 4.28 -15.57 9.60
C PHE B 4 5.10 -14.32 9.24
N LYS B 5 6.41 -14.49 9.05
CA LYS B 5 7.20 -13.44 8.43
C LYS B 5 6.87 -13.35 6.94
N PRO B 6 6.83 -12.15 6.36
CA PRO B 6 6.40 -12.04 4.95
C PRO B 6 7.21 -12.92 4.00
N GLU B 7 8.53 -12.96 4.19
CA GLU B 7 9.38 -13.77 3.32
C GLU B 7 9.08 -15.26 3.46
N GLU B 8 8.64 -15.71 4.64
CA GLU B 8 8.29 -17.13 4.76
C GLU B 8 6.92 -17.43 4.18
N LEU B 9 6.00 -16.47 4.22
CA LEU B 9 4.74 -16.63 3.53
C LEU B 9 4.96 -16.70 2.02
N ARG B 10 5.84 -15.83 1.51
CA ARG B 10 6.10 -15.79 0.07
C ARG B 10 6.53 -17.16 -0.45
N GLN B 11 7.34 -17.89 0.32
CA GLN B 11 7.84 -19.17 -0.14
C GLN B 11 6.74 -20.22 -0.21
N ALA B 12 5.76 -20.17 0.71
CA ALA B 12 4.71 -21.17 0.68
C ALA B 12 3.61 -20.80 -0.32
N LEU B 13 3.41 -19.51 -0.57
CA LEU B 13 2.29 -19.08 -1.40
C LEU B 13 2.67 -18.90 -2.86
N MET B 14 3.94 -18.57 -3.16
CA MET B 14 4.31 -18.30 -4.54
C MET B 14 4.03 -19.46 -5.49
N PRO B 15 4.22 -20.74 -5.12
CA PRO B 15 3.84 -21.80 -6.08
C PRO B 15 2.37 -21.74 -6.50
N THR B 16 1.47 -21.27 -5.63
CA THR B 16 0.08 -21.18 -6.06
C THR B 16 -0.11 -20.07 -7.07
N LEU B 17 0.65 -18.97 -6.94
CA LEU B 17 0.61 -17.92 -7.94
C LEU B 17 1.22 -18.38 -9.25
N GLU B 18 2.33 -19.14 -9.17
CA GLU B 18 2.94 -19.68 -10.40
C GLU B 18 1.98 -20.61 -11.14
N ALA B 19 1.14 -21.35 -10.42
CA ALA B 19 0.20 -22.27 -11.04
C ALA B 19 -0.83 -21.52 -11.87
N LEU B 20 -1.17 -20.30 -11.46
CA LEU B 20 -2.06 -19.46 -12.27
C LEU B 20 -1.34 -18.97 -13.52
N TYR B 21 -0.13 -18.43 -13.36
CA TYR B 21 0.65 -17.95 -14.50
C TYR B 21 0.82 -19.03 -15.56
N ARG B 22 0.97 -20.27 -15.15
CA ARG B 22 1.29 -21.28 -16.15
C ARG B 22 0.07 -21.76 -16.93
N GLN B 23 -1.14 -21.31 -16.58
CA GLN B 23 -2.29 -21.61 -17.42
C GLN B 23 -2.22 -20.77 -18.70
N ASP B 24 -2.19 -21.44 -19.85
CA ASP B 24 -2.00 -20.79 -21.14
C ASP B 24 -3.09 -21.36 -22.06
N PRO B 25 -3.98 -20.52 -22.64
CA PRO B 25 -4.03 -19.04 -22.64
C PRO B 25 -4.77 -18.40 -21.46
N GLU B 26 -5.22 -19.18 -20.46
CA GLU B 26 -6.20 -18.65 -19.51
C GLU B 26 -5.64 -17.53 -18.65
N SER B 27 -4.32 -17.51 -18.37
CA SER B 27 -3.80 -16.40 -17.56
C SER B 27 -3.58 -15.11 -18.36
N LEU B 28 -3.60 -15.17 -19.69
CA LEU B 28 -3.18 -14.01 -20.47
C LEU B 28 -3.97 -12.74 -20.15
N PRO B 29 -5.29 -12.77 -19.93
CA PRO B 29 -5.99 -11.52 -19.57
C PRO B 29 -5.61 -10.99 -18.20
N PHE B 30 -4.93 -11.78 -17.37
CA PHE B 30 -4.74 -11.46 -15.98
C PHE B 30 -3.30 -11.13 -15.64
N ARG B 31 -2.39 -11.14 -16.63
CA ARG B 31 -0.97 -10.97 -16.34
C ARG B 31 -0.57 -9.51 -16.13
N GLN B 32 -1.42 -8.56 -16.50
CA GLN B 32 -1.12 -7.14 -16.36
C GLN B 32 -2.44 -6.45 -16.05
N PRO B 33 -2.39 -5.25 -15.47
CA PRO B 33 -3.66 -4.58 -15.13
C PRO B 33 -4.50 -4.36 -16.37
N VAL B 34 -5.83 -4.42 -16.20
CA VAL B 34 -6.75 -4.07 -17.27
C VAL B 34 -6.47 -2.65 -17.71
N ASP B 35 -6.35 -2.45 -19.02
CA ASP B 35 -6.09 -1.15 -19.63
C ASP B 35 -7.35 -0.73 -20.38
N PRO B 36 -8.22 0.07 -19.77
CA PRO B 36 -9.48 0.43 -20.42
C PRO B 36 -9.32 1.18 -21.73
N GLN B 37 -8.24 1.94 -21.89
CA GLN B 37 -8.02 2.64 -23.16
C GLN B 37 -7.69 1.66 -24.27
N LEU B 38 -6.72 0.76 -24.03
CA LEU B 38 -6.35 -0.22 -25.05
C LEU B 38 -7.55 -1.05 -25.46
N LEU B 39 -8.37 -1.42 -24.47
CA LEU B 39 -9.50 -2.32 -24.70
C LEU B 39 -10.77 -1.60 -25.14
N GLY B 40 -10.74 -0.28 -25.21
CA GLY B 40 -11.90 0.46 -25.65
C GLY B 40 -13.09 0.34 -24.71
N ILE B 41 -12.84 0.27 -23.41
CA ILE B 41 -13.94 0.09 -22.46
C ILE B 41 -13.89 1.20 -21.41
N PRO B 42 -14.31 2.40 -21.77
CA PRO B 42 -14.19 3.54 -20.82
C PRO B 42 -15.01 3.39 -19.55
N ASP B 43 -15.97 2.47 -19.49
CA ASP B 43 -16.71 2.31 -18.25
C ASP B 43 -16.05 1.38 -17.24
N TYR B 44 -14.89 0.79 -17.55
CA TYR B 44 -14.35 -0.27 -16.70
C TYR B 44 -14.16 0.21 -15.24
N PHE B 45 -13.54 1.37 -15.05
CA PHE B 45 -13.28 1.79 -13.68
C PHE B 45 -14.54 2.30 -12.98
N ASP B 46 -15.63 2.53 -13.71
CA ASP B 46 -16.90 2.85 -13.07
C ASP B 46 -17.49 1.61 -12.41
N ILE B 47 -17.21 0.42 -12.95
CA ILE B 47 -17.72 -0.83 -12.42
C ILE B 47 -16.75 -1.47 -11.42
N VAL B 48 -15.47 -1.45 -11.75
CA VAL B 48 -14.44 -2.14 -10.97
C VAL B 48 -13.72 -1.05 -10.17
N LYS B 49 -14.05 -0.97 -8.89
CA LYS B 49 -13.52 0.10 -8.05
C LYS B 49 -12.15 -0.21 -7.48
N ASN B 50 -11.79 -1.49 -7.35
CA ASN B 50 -10.50 -1.91 -6.80
C ASN B 50 -9.84 -2.93 -7.73
N PRO B 51 -9.11 -2.47 -8.75
CA PRO B 51 -8.53 -3.39 -9.73
C PRO B 51 -7.45 -4.26 -9.10
N MET B 52 -7.29 -5.46 -9.67
CA MET B 52 -6.28 -6.39 -9.19
C MET B 52 -5.92 -7.34 -10.33
N ASP B 53 -4.66 -7.77 -10.36
CA ASP B 53 -4.20 -8.65 -11.41
C ASP B 53 -2.98 -9.39 -10.88
N LEU B 54 -2.50 -10.37 -11.66
CA LEU B 54 -1.42 -11.23 -11.18
C LEU B 54 -0.15 -10.44 -10.94
N SER B 55 0.13 -9.49 -11.84
CA SER B 55 1.38 -8.75 -11.67
C SER B 55 1.37 -7.94 -10.40
N THR B 56 0.20 -7.42 -9.99
CA THR B 56 0.14 -6.68 -8.75
C THR B 56 0.27 -7.61 -7.55
N ILE B 57 -0.38 -8.77 -7.61
CA ILE B 57 -0.27 -9.74 -6.53
C ILE B 57 1.18 -10.18 -6.36
N LYS B 58 1.88 -10.44 -7.47
CA LYS B 58 3.28 -10.82 -7.41
C LYS B 58 4.12 -9.74 -6.73
N ARG B 59 3.95 -8.49 -7.15
CA ARG B 59 4.67 -7.38 -6.53
C ARG B 59 4.39 -7.28 -5.04
N LYS B 60 3.12 -7.43 -4.64
CA LYS B 60 2.82 -7.41 -3.20
C LYS B 60 3.46 -8.58 -2.49
N LEU B 61 3.45 -9.77 -3.11
CA LEU B 61 4.11 -10.91 -2.48
C LEU B 61 5.60 -10.68 -2.35
N ASP B 62 6.22 -10.00 -3.32
CA ASP B 62 7.67 -9.85 -3.31
C ASP B 62 8.14 -8.70 -2.44
N THR B 63 7.25 -7.80 -2.04
CA THR B 63 7.62 -6.63 -1.24
C THR B 63 7.04 -6.70 0.18
N GLY B 64 6.78 -7.92 0.67
CA GLY B 64 6.39 -8.14 2.05
C GLY B 64 5.00 -7.65 2.44
N GLN B 65 4.11 -7.43 1.47
CA GLN B 65 2.85 -6.77 1.81
C GLN B 65 1.80 -7.73 2.38
N TYR B 66 1.96 -9.02 2.19
CA TYR B 66 1.05 -10.02 2.76
C TYR B 66 1.65 -10.54 4.06
N GLN B 67 0.97 -10.27 5.17
CA GLN B 67 1.37 -10.78 6.48
C GLN B 67 0.59 -12.00 6.93
N GLU B 68 -0.61 -12.22 6.39
CA GLU B 68 -1.43 -13.39 6.70
C GLU B 68 -1.91 -14.01 5.39
N PRO B 69 -2.00 -15.34 5.34
CA PRO B 69 -2.45 -15.98 4.10
C PRO B 69 -3.78 -15.46 3.57
N TRP B 70 -4.70 -15.02 4.43
CA TRP B 70 -6.02 -14.60 3.92
C TRP B 70 -5.90 -13.34 3.07
N GLN B 71 -4.92 -12.50 3.33
CA GLN B 71 -4.77 -11.27 2.56
C GLN B 71 -4.41 -11.59 1.11
N TYR B 72 -3.56 -12.60 0.91
CA TYR B 72 -3.20 -13.04 -0.44
C TYR B 72 -4.40 -13.68 -1.12
N VAL B 73 -5.02 -14.65 -0.44
CA VAL B 73 -6.24 -15.29 -0.94
C VAL B 73 -7.29 -14.24 -1.32
N ASP B 74 -7.43 -13.18 -0.51
CA ASP B 74 -8.43 -12.18 -0.82
C ASP B 74 -8.09 -11.38 -2.07
N ASP B 75 -6.80 -11.08 -2.28
CA ASP B 75 -6.43 -10.39 -3.50
C ASP B 75 -6.67 -11.27 -4.72
N VAL B 76 -6.34 -12.56 -4.63
CA VAL B 76 -6.62 -13.45 -5.76
C VAL B 76 -8.11 -13.45 -6.07
N TRP B 77 -8.95 -13.55 -5.04
CA TRP B 77 -10.38 -13.56 -5.29
C TRP B 77 -10.93 -12.18 -5.66
N LEU B 78 -10.25 -11.09 -5.28
CA LEU B 78 -10.65 -9.79 -5.82
C LEU B 78 -10.45 -9.75 -7.32
N MET B 79 -9.31 -10.28 -7.81
CA MET B 79 -9.05 -10.31 -9.23
C MET B 79 -10.13 -11.13 -9.95
N PHE B 80 -10.49 -12.29 -9.38
CA PHE B 80 -11.56 -13.13 -9.95
C PHE B 80 -12.90 -12.41 -9.93
N ASN B 81 -13.28 -11.86 -8.78
CA ASN B 81 -14.59 -11.25 -8.70
C ASN B 81 -14.72 -10.03 -9.61
N ASN B 82 -13.64 -9.26 -9.78
CA ASN B 82 -13.68 -8.15 -10.73
C ASN B 82 -14.01 -8.65 -12.13
N ALA B 83 -13.38 -9.75 -12.55
CA ALA B 83 -13.59 -10.21 -13.92
C ALA B 83 -14.96 -10.84 -14.11
N TRP B 84 -15.46 -11.57 -13.10
CA TRP B 84 -16.80 -12.13 -13.19
C TRP B 84 -17.84 -11.03 -13.18
N LEU B 85 -17.55 -9.92 -12.49
CA LEU B 85 -18.50 -8.80 -12.42
C LEU B 85 -18.56 -8.05 -13.75
N TYR B 86 -17.40 -7.80 -14.36
CA TYR B 86 -17.35 -6.93 -15.52
C TYR B 86 -17.72 -7.63 -16.82
N ASN B 87 -17.35 -8.90 -16.97
CA ASN B 87 -17.45 -9.61 -18.25
C ASN B 87 -18.70 -10.48 -18.30
N ARG B 88 -19.29 -10.62 -19.49
CA ARG B 88 -20.47 -11.46 -19.64
C ARG B 88 -20.13 -12.94 -19.40
N LYS B 89 -21.12 -13.68 -18.88
CA LYS B 89 -20.91 -15.09 -18.56
C LYS B 89 -20.47 -15.91 -19.77
N THR B 90 -20.86 -15.49 -20.96
CA THR B 90 -20.49 -16.23 -22.15
C THR B 90 -19.14 -15.84 -22.71
N SER B 91 -18.47 -14.84 -22.14
CA SER B 91 -17.27 -14.30 -22.75
C SER B 91 -16.06 -15.15 -22.41
N ARG B 92 -15.04 -15.05 -23.26
CA ARG B 92 -13.84 -15.85 -23.05
C ARG B 92 -13.14 -15.46 -21.75
N VAL B 93 -13.06 -14.16 -21.44
CA VAL B 93 -12.36 -13.76 -20.22
C VAL B 93 -13.09 -14.27 -18.97
N TYR B 94 -14.42 -14.32 -19.00
CA TYR B 94 -15.16 -14.89 -17.87
C TYR B 94 -14.88 -16.38 -17.71
N LYS B 95 -14.89 -17.14 -18.82
CA LYS B 95 -14.55 -18.55 -18.76
C LYS B 95 -13.13 -18.76 -18.26
N PHE B 96 -12.19 -17.92 -18.71
CA PHE B 96 -10.80 -18.08 -18.28
C PHE B 96 -10.64 -17.73 -16.80
N CYS B 97 -11.38 -16.71 -16.32
CA CYS B 97 -11.41 -16.42 -14.89
C CYS B 97 -11.81 -17.66 -14.11
N SER B 98 -12.87 -18.34 -14.57
CA SER B 98 -13.36 -19.52 -13.85
C SER B 98 -12.33 -20.63 -13.85
N LYS B 99 -11.63 -20.83 -14.97
CA LYS B 99 -10.54 -21.81 -14.99
C LYS B 99 -9.46 -21.46 -13.98
N LEU B 100 -9.03 -20.18 -13.92
CA LEU B 100 -8.03 -19.81 -12.91
C LEU B 100 -8.52 -20.08 -11.50
N ALA B 101 -9.80 -19.82 -11.24
CA ALA B 101 -10.35 -20.04 -9.91
C ALA B 101 -10.34 -21.52 -9.57
N GLU B 102 -10.69 -22.35 -10.55
CA GLU B 102 -10.65 -23.79 -10.38
C GLU B 102 -9.24 -24.27 -10.06
N VAL B 103 -8.24 -23.75 -10.79
CA VAL B 103 -6.85 -24.13 -10.53
C VAL B 103 -6.43 -23.65 -9.15
N PHE B 104 -6.76 -22.39 -8.82
CA PHE B 104 -6.37 -21.84 -7.54
C PHE B 104 -6.95 -22.64 -6.40
N GLU B 105 -8.24 -23.00 -6.50
CA GLU B 105 -8.87 -23.70 -5.39
C GLU B 105 -8.29 -25.10 -5.19
N GLN B 106 -7.87 -25.75 -6.27
CA GLN B 106 -7.17 -27.02 -6.14
C GLN B 106 -5.84 -26.85 -5.42
N GLU B 107 -5.04 -25.84 -5.81
CA GLU B 107 -3.67 -25.70 -5.34
C GLU B 107 -3.58 -25.10 -3.94
N ILE B 108 -4.53 -24.22 -3.57
CA ILE B 108 -4.42 -23.52 -2.30
C ILE B 108 -4.81 -24.39 -1.12
N ASP B 109 -5.63 -25.41 -1.34
CA ASP B 109 -6.13 -26.28 -0.27
C ASP B 109 -4.96 -26.87 0.54
N PRO B 110 -4.11 -27.72 -0.05
CA PRO B 110 -3.04 -28.32 0.79
C PRO B 110 -2.06 -27.30 1.31
N VAL B 111 -1.85 -26.20 0.59
CA VAL B 111 -0.97 -25.14 1.09
C VAL B 111 -1.58 -24.50 2.33
N MET B 112 -2.90 -24.33 2.33
CA MET B 112 -3.59 -23.71 3.45
C MET B 112 -3.55 -24.61 4.69
N GLN B 113 -3.74 -25.91 4.49
CA GLN B 113 -3.66 -26.86 5.61
C GLN B 113 -2.24 -26.94 6.14
N SER B 114 -1.25 -27.06 5.26
CA SER B 114 0.13 -27.19 5.69
C SER B 114 0.62 -25.96 6.45
N LEU B 115 -0.07 -24.84 6.32
CA LEU B 115 0.30 -23.60 7.00
C LEU B 115 -0.51 -23.35 8.26
N GLY B 116 -1.32 -24.32 8.68
CA GLY B 116 -2.20 -24.13 9.83
C GLY B 116 -2.06 -25.16 10.94
C11 N6I C . 8.11 22.94 0.53
C12 N6I C . 7.65 23.92 -0.39
C13 N6I C . 8.14 23.91 -1.72
C14 N6I C . 9.04 22.92 -2.16
C15 N6I C . 9.43 21.98 -1.23
C17 N6I C . 8.98 21.97 0.09
C18 N6I C . 3.92 23.52 5.01
C19 N6I C . 4.84 24.09 5.97
C21 N6I C . 5.72 24.86 7.86
C22 N6I C . 5.96 25.30 9.19
C23 N6I C . 7.27 25.71 9.47
C25 N6I C . 8.71 25.33 11.38
C26 N6I C . 9.09 25.70 12.83
C28 N6I C . 6.94 26.55 13.24
C29 N6I C . 6.48 26.12 11.83
C02 N6I C . 2.58 23.23 5.42
C04 N6I C . 1.97 22.24 3.31
C05 N6I C . 3.26 22.41 2.87
C06 N6I C . 4.28 23.04 3.73
C08 N6I C . 6.10 22.87 2.01
C09 N6I C . 7.64 22.99 1.93
C30 N6I C . 8.28 25.67 8.48
C31 N6I C . 8.05 25.26 7.17
C32 N6I C . 9.11 25.19 6.14
C33 N6I C . 6.74 24.85 6.88
N03 N6I C . 1.58 22.65 4.61
N07 N6I C . 5.57 23.22 3.28
N20 N6I C . 4.53 24.40 7.29
N24 N6I C . 7.58 26.11 10.79
N34 N6I C . 6.16 24.36 5.76
O01 N6I C . 2.10 23.57 6.56
O10 N6I C . 8.15 21.91 2.71
O27 N6I C . 7.95 25.67 13.67
CL16 N6I C . 10.59 20.75 -1.76
CAS JHL D . 5.22 8.32 22.75
CAT JHL D . 5.70 6.86 22.74
CAU JHL D . 4.53 5.90 22.55
OAX JHL D . 5.00 4.54 22.58
CAY JHL D . 3.97 3.64 22.26
CAV JHL D . 3.44 6.11 23.61
CAW JHL D . 3.01 7.58 23.75
CAQ JHL D . 4.19 8.54 23.87
NAP JHL D . 3.72 9.95 23.93
CAK JHL D . 3.05 10.69 22.98
CAL JHL D . 2.61 10.35 21.66
CAM JHL D . 1.93 11.34 20.93
CAH JHL D . 1.72 12.62 21.47
CAA JHL D . 0.98 13.70 20.65
CAE JHL D . -0.08 14.47 21.11
CAG JHL D . -0.77 14.46 22.47
OAD JHL D . -0.42 15.25 20.11
NAC JHL D . 0.38 15.04 19.01
CAB JHL D . 1.25 14.07 19.33
CAF JHL D . 2.32 13.54 18.38
CAI JHL D . 2.14 12.94 22.75
CAJ JHL D . 2.82 11.94 23.50
NAN JHL D . 3.38 11.96 24.77
CAO JHL D . 3.90 10.75 25.01
CAR JHL D . 4.59 10.33 26.30
CBD JHL D . 3.59 9.91 27.28
CBC JHL D . 2.87 11.03 27.88
CBB JHL D . 3.78 11.89 28.66
CBA JHL D . 5.04 12.39 27.86
OBM JHL D . 5.67 13.36 28.12
NAZ JHL D . 5.42 11.57 26.68
CBE JHL D . 6.54 11.93 25.85
CBF JHL D . 6.59 13.19 25.30
CBG JHL D . 7.67 13.50 24.49
FBL JHL D . 7.74 14.73 23.95
CBH JHL D . 8.63 12.54 24.24
FBK JHL D . 9.68 12.86 23.43
CBI JHL D . 8.56 11.28 24.79
CBJ JHL D . 7.48 10.94 25.62
C1 EDO E . 11.85 10.97 28.45
O1 EDO E . 11.09 11.20 27.24
C2 EDO E . 13.29 10.71 28.06
O2 EDO E . 13.78 11.83 27.29
C1 EDO F . 0.76 15.82 -19.68
O1 EDO F . 1.81 14.88 -19.38
C2 EDO F . -0.61 15.14 -19.54
O2 EDO F . -1.56 16.02 -18.92
CAS JHL G . -5.14 -9.95 -23.15
CAT JHL G . -3.66 -10.07 -23.50
CAU JHL G . -2.96 -8.73 -23.33
OAX JHL G . -1.62 -8.80 -23.82
CAY JHL G . -0.83 -7.82 -23.18
CAV JHL G . -3.65 -7.59 -24.07
CAW JHL G . -5.15 -7.49 -23.74
CAQ JHL G . -5.83 -8.84 -23.97
NAP JHL G . -7.26 -8.82 -23.55
CAK JHL G . -7.81 -8.58 -22.31
CAL JHL G . -7.25 -8.28 -21.02
CAM JHL G . -8.11 -8.11 -19.91
CAH JHL G . -9.50 -8.23 -20.05
CAA JHL G . -10.44 -8.02 -18.84
CAE JHL G . -11.60 -7.27 -18.82
CAG JHL G . -12.25 -6.49 -19.94
OAD JHL G . -12.10 -7.34 -17.60
NAC JHL G . -11.31 -8.12 -16.80
CAB JHL G . -10.28 -8.55 -17.53
CAF JHL G . -9.17 -9.44 -16.99
CAI JHL G . -10.03 -8.50 -21.31
CAJ JHL G . -9.17 -8.69 -22.45
NAN JHL G . -9.41 -8.96 -23.77
CAO JHL G . -8.25 -9.02 -24.43
CAR JHL G . -8.05 -9.30 -25.91
CBD JHL G . -8.76 -8.23 -26.62
CBC JHL G . -9.22 -8.60 -27.93
CBB JHL G . -10.14 -9.72 -27.94
CBA JHL G . -9.65 -11.00 -27.15
OBM JHL G . -10.07 -12.09 -27.33
NAZ JHL G . -8.57 -10.75 -26.14
CBE JHL G . -8.09 -11.89 -25.38
CBF JHL G . -8.99 -12.55 -24.56
CBG JHL G . -8.55 -13.62 -23.81
FBL JHL G . -9.42 -14.29 -23.01
CBH JHL G . -7.25 -14.05 -23.93
FBK JHL G . -6.89 -15.14 -23.20
CBI JHL G . -6.33 -13.42 -24.77
CBJ JHL G . -6.78 -12.32 -25.51
C1 EDO H . -13.00 -19.55 -1.95
O1 EDO H . -12.73 -20.22 -0.72
C2 EDO H . -13.08 -18.07 -1.66
O2 EDO H . -14.37 -17.65 -2.10
C1 EDO I . -17.40 -19.28 -9.17
O1 EDO I . -18.34 -18.76 -10.13
C2 EDO I . -17.33 -18.51 -7.86
O2 EDO I . -18.64 -18.25 -7.38
#